data_6IFJ
#
_entry.id   6IFJ
#
_cell.length_a   60.660
_cell.length_b   67.260
_cell.length_c   78.730
_cell.angle_alpha   90.00
_cell.angle_beta   106.23
_cell.angle_gamma   90.00
#
_symmetry.space_group_name_H-M   'P 1 21 1'
#
loop_
_entity.id
_entity.type
_entity.pdbx_description
1 polymer 'Immunoglobulin gamma-1 heavy chain'
2 polymer 'Immunoglobulin gamma-1 heavy chain'
3 polymer '13-mer peptide'
4 branched 2-acetamido-2-deoxy-beta-D-glucopyranose-(1-2)-alpha-D-mannopyranose-(1-6)-[alpha-D-mannopyranose-(1-3)]beta-D-mannopyranose-(1-4)-2-acetamido-2-deoxy-beta-D-glucopyranose-(1-4)-[alpha-L-fucopyranose-(1-6)]2-acetamido-2-deoxy-beta-D-glucopyranose
5 non-polymer GLYCEROL
6 water water
#
loop_
_entity_poly.entity_id
_entity_poly.type
_entity_poly.pdbx_seq_one_letter_code
_entity_poly.pdbx_strand_id
1 'polypeptide(L)'
;EPKSCDKTHTCPPCPAPELLGGPSVFLFPPKPKDTLMISRTPEVTCVVVDVSHEDPEVKFNWYVDGVEVHNAKTKPREEQ
YNSTYRVVSVLTVLHQDWLNGKEYKCKVSNKALPAPIEKTISKAKGQPREPQVYTLPPSRDKLTKNQVSLTCLVKGFYPS
DIAVEWESNGQPENNYKTTPPVLDSDGSFFLYSRLTVDKSRWQQGNVFSCSVMHEALHNHYTQKSLSLSPGK
;
A
2 'polypeptide(L)'
;EPKSCDKTHTCPPCPAPELLGGPSVFLFPPKPKDTLMISRTPEVTCVVVDVSHEDPEVKFNWYVDGVEVHNAKTKPREEQ
YNSTYRVVSVLTVLHQDWLNGKEYKCKVSNKALPAPIEKTISKAKGQPREPQVYTLPPSRDELTKNQVSLTCLVEGFYPS
DIAVEWESNGQPENNYKTTPPVLDSDGSFFLYSKLTVDKSRWQQGNVFSCSVMHEALHNHYTQKSLSLSPGK
;
B
3 'polypeptide(L)' DCAWHLGELVWCT C,D
#
# COMPACT_ATOMS: atom_id res chain seq x y z
N GLY A 21 -8.93 -29.66 -10.53
CA GLY A 21 -7.71 -29.45 -11.31
C GLY A 21 -6.48 -30.14 -10.78
N GLY A 22 -5.30 -29.64 -11.18
CA GLY A 22 -4.00 -30.14 -10.78
C GLY A 22 -3.06 -29.07 -10.23
N PRO A 23 -1.75 -29.06 -10.62
CA PRO A 23 -0.84 -28.04 -10.07
C PRO A 23 -1.13 -26.61 -10.50
N SER A 24 -0.61 -25.63 -9.74
CA SER A 24 -0.71 -24.20 -10.00
C SER A 24 0.73 -23.63 -10.10
N VAL A 25 0.97 -22.70 -11.04
CA VAL A 25 2.29 -22.08 -11.25
C VAL A 25 2.35 -20.59 -10.87
N PHE A 26 3.37 -20.19 -10.08
CA PHE A 26 3.65 -18.80 -9.72
C PHE A 26 5.09 -18.47 -10.13
N LEU A 27 5.26 -17.46 -10.98
CA LEU A 27 6.57 -17.05 -11.51
C LEU A 27 6.96 -15.66 -10.97
N PHE A 28 8.06 -15.60 -10.25
CA PHE A 28 8.54 -14.42 -9.52
C PHE A 28 9.76 -13.74 -10.12
N PRO A 29 9.78 -12.39 -10.08
CA PRO A 29 10.93 -11.66 -10.61
C PRO A 29 12.13 -11.68 -9.66
N PRO A 30 13.30 -11.17 -10.09
CA PRO A 30 14.42 -11.04 -9.14
C PRO A 30 14.15 -9.92 -8.12
N LYS A 31 14.92 -9.88 -7.04
CA LYS A 31 14.78 -8.83 -6.04
C LYS A 31 15.40 -7.55 -6.61
N PRO A 32 14.70 -6.39 -6.49
CA PRO A 32 15.23 -5.15 -7.10
C PRO A 32 16.68 -4.86 -6.78
N LYS A 33 17.10 -5.01 -5.50
CA LYS A 33 18.47 -4.81 -5.07
C LYS A 33 19.43 -5.75 -5.83
N ASP A 34 19.02 -7.04 -6.07
CA ASP A 34 19.85 -7.99 -6.84
C ASP A 34 20.09 -7.58 -8.31
N THR A 35 19.12 -6.93 -9.01
CA THR A 35 19.29 -6.49 -10.41
C THR A 35 20.14 -5.22 -10.51
N LEU A 36 20.22 -4.47 -9.38
CA LEU A 36 20.87 -3.17 -9.32
C LEU A 36 22.28 -3.21 -8.80
N MET A 37 22.66 -4.30 -8.12
CA MET A 37 24.02 -4.40 -7.63
C MET A 37 24.75 -5.47 -8.38
N ILE A 38 25.86 -5.08 -9.04
CA ILE A 38 26.75 -5.94 -9.82
C ILE A 38 27.42 -6.99 -8.96
N SER A 39 27.46 -6.73 -7.63
CA SER A 39 28.04 -7.59 -6.61
C SER A 39 27.03 -8.66 -6.14
N ARG A 40 25.80 -8.60 -6.67
CA ARG A 40 24.69 -9.54 -6.35
C ARG A 40 24.26 -10.32 -7.61
N THR A 41 23.61 -11.47 -7.43
CA THR A 41 23.15 -12.31 -8.53
C THR A 41 21.60 -12.35 -8.57
N PRO A 42 20.95 -11.69 -9.56
CA PRO A 42 19.48 -11.78 -9.65
C PRO A 42 19.03 -13.14 -10.23
N GLU A 43 17.77 -13.54 -9.93
CA GLU A 43 17.18 -14.79 -10.43
C GLU A 43 15.67 -14.74 -10.54
N VAL A 44 15.15 -15.46 -11.51
CA VAL A 44 13.72 -15.63 -11.73
C VAL A 44 13.35 -17.00 -11.13
N THR A 45 12.23 -17.08 -10.40
CA THR A 45 11.82 -18.30 -9.69
C THR A 45 10.47 -18.79 -10.18
N CYS A 46 10.43 -20.04 -10.63
CA CYS A 46 9.19 -20.65 -11.09
C CYS A 46 8.78 -21.65 -10.03
N VAL A 47 7.72 -21.28 -9.27
CA VAL A 47 7.10 -22.08 -8.18
C VAL A 47 5.90 -22.86 -8.66
N VAL A 48 5.91 -24.18 -8.46
CA VAL A 48 4.81 -25.11 -8.77
C VAL A 48 4.23 -25.65 -7.45
N VAL A 49 2.96 -25.31 -7.20
CA VAL A 49 2.23 -25.77 -6.01
C VAL A 49 1.18 -26.79 -6.41
N ASP A 50 0.65 -27.52 -5.43
CA ASP A 50 -0.36 -28.55 -5.62
C ASP A 50 0.16 -29.66 -6.52
N VAL A 51 1.45 -30.00 -6.36
CA VAL A 51 2.04 -31.13 -7.08
C VAL A 51 1.62 -32.35 -6.26
N SER A 52 1.02 -33.36 -6.90
CA SER A 52 0.51 -34.54 -6.24
C SER A 52 1.58 -35.54 -5.89
N HIS A 53 1.29 -36.39 -4.88
CA HIS A 53 2.18 -37.45 -4.42
C HIS A 53 2.31 -38.55 -5.47
N GLU A 54 1.22 -38.81 -6.22
CA GLU A 54 1.06 -39.80 -7.29
C GLU A 54 1.85 -39.41 -8.55
N ASP A 55 1.91 -38.09 -8.88
CA ASP A 55 2.68 -37.57 -10.03
C ASP A 55 3.59 -36.37 -9.63
N PRO A 56 4.69 -36.62 -8.84
CA PRO A 56 5.54 -35.51 -8.39
C PRO A 56 6.48 -34.95 -9.47
N GLU A 57 6.61 -35.68 -10.61
CA GLU A 57 7.45 -35.37 -11.77
C GLU A 57 6.95 -34.11 -12.45
N VAL A 58 7.81 -33.09 -12.49
CA VAL A 58 7.54 -31.80 -13.10
C VAL A 58 8.62 -31.51 -14.11
N LYS A 59 8.22 -31.21 -15.35
CA LYS A 59 9.14 -30.83 -16.43
C LYS A 59 9.12 -29.32 -16.58
N PHE A 60 10.31 -28.73 -16.59
CA PHE A 60 10.49 -27.29 -16.74
C PHE A 60 11.18 -26.98 -18.06
N ASN A 61 10.58 -26.06 -18.82
CA ASN A 61 11.16 -25.53 -20.04
C ASN A 61 11.25 -24.03 -19.79
N TRP A 62 12.41 -23.44 -20.01
CA TRP A 62 12.62 -22.02 -19.75
C TRP A 62 12.95 -21.29 -21.06
N TYR A 63 12.39 -20.09 -21.25
CA TYR A 63 12.62 -19.30 -22.45
C TYR A 63 12.99 -17.87 -22.11
N VAL A 64 14.02 -17.30 -22.76
CA VAL A 64 14.40 -15.88 -22.58
C VAL A 64 14.18 -15.27 -23.97
N ASP A 65 13.07 -14.52 -24.13
CA ASP A 65 12.62 -13.92 -25.39
C ASP A 65 12.36 -14.98 -26.47
N GLY A 66 11.77 -16.10 -26.03
CA GLY A 66 11.37 -17.21 -26.87
C GLY A 66 12.47 -18.21 -27.12
N VAL A 67 13.71 -17.88 -26.73
CA VAL A 67 14.91 -18.71 -26.90
C VAL A 67 15.04 -19.59 -25.68
N GLU A 68 14.94 -20.92 -25.89
CA GLU A 68 15.05 -21.92 -24.81
C GLU A 68 16.45 -21.94 -24.20
N VAL A 69 16.52 -21.81 -22.85
CA VAL A 69 17.76 -21.82 -22.07
C VAL A 69 17.79 -23.04 -21.20
N HIS A 70 18.99 -23.58 -21.02
CA HIS A 70 19.16 -24.86 -20.34
C HIS A 70 19.90 -24.80 -19.01
N ASN A 71 20.12 -23.59 -18.43
CA ASN A 71 20.89 -23.52 -17.17
C ASN A 71 20.09 -23.28 -15.87
N ALA A 72 18.78 -23.57 -15.84
CA ALA A 72 18.03 -23.43 -14.59
C ALA A 72 18.38 -24.60 -13.66
N LYS A 73 18.13 -24.45 -12.36
CA LYS A 73 18.40 -25.47 -11.37
C LYS A 73 17.15 -25.74 -10.57
N THR A 74 16.90 -27.01 -10.23
CA THR A 74 15.74 -27.34 -9.41
C THR A 74 16.13 -27.40 -7.96
N LYS A 75 15.36 -26.65 -7.17
CA LYS A 75 15.51 -26.52 -5.73
C LYS A 75 15.09 -27.86 -5.08
N PRO A 76 15.61 -28.26 -3.89
CA PRO A 76 15.16 -29.53 -3.31
C PRO A 76 13.62 -29.55 -3.15
N ARG A 77 13.00 -30.69 -3.48
CA ARG A 77 11.53 -30.85 -3.35
C ARG A 77 11.13 -30.70 -1.89
N GLU A 78 10.02 -29.97 -1.63
CA GLU A 78 9.48 -29.77 -0.27
C GLU A 78 8.07 -30.30 -0.11
N GLU A 79 7.82 -31.11 0.97
CA GLU A 79 6.47 -31.55 1.33
C GLU A 79 5.84 -30.38 2.11
N GLN A 80 4.62 -30.00 1.73
CA GLN A 80 3.88 -28.85 2.27
C GLN A 80 2.99 -29.19 3.46
N TYR A 81 2.68 -30.50 3.67
CA TYR A 81 1.92 -31.09 4.79
C TYR A 81 0.40 -30.95 4.62
N ASN A 82 -0.04 -30.71 3.38
CA ASN A 82 -1.42 -30.65 2.94
C ASN A 82 -1.63 -31.66 1.78
N SER A 83 -0.77 -32.69 1.74
CA SER A 83 -0.65 -33.82 0.80
C SER A 83 -0.17 -33.43 -0.61
N THR A 84 0.49 -32.25 -0.71
CA THR A 84 1.08 -31.73 -1.94
C THR A 84 2.59 -31.48 -1.78
N TYR A 85 3.26 -31.28 -2.92
CA TYR A 85 4.69 -30.94 -2.98
C TYR A 85 4.84 -29.54 -3.55
N ARG A 86 5.95 -28.89 -3.23
CA ARG A 86 6.29 -27.59 -3.80
C ARG A 86 7.60 -27.80 -4.58
N VAL A 87 7.48 -27.77 -5.91
CA VAL A 87 8.56 -27.98 -6.89
C VAL A 87 8.96 -26.62 -7.44
N VAL A 88 10.27 -26.28 -7.36
CA VAL A 88 10.78 -24.94 -7.74
C VAL A 88 11.99 -25.01 -8.68
N SER A 89 11.95 -24.24 -9.78
CA SER A 89 13.05 -24.09 -10.70
C SER A 89 13.54 -22.64 -10.59
N VAL A 90 14.85 -22.46 -10.50
CA VAL A 90 15.39 -21.11 -10.40
C VAL A 90 16.29 -20.88 -11.60
N LEU A 91 16.06 -19.76 -12.32
CA LEU A 91 16.87 -19.34 -13.44
C LEU A 91 17.61 -18.02 -13.10
N THR A 92 18.95 -18.07 -13.08
CA THR A 92 19.79 -16.90 -12.90
C THR A 92 19.72 -16.04 -14.18
N VAL A 93 19.46 -14.74 -13.99
CA VAL A 93 19.37 -13.78 -15.06
C VAL A 93 20.61 -12.87 -15.05
N LEU A 94 20.90 -12.25 -16.20
CA LEU A 94 21.95 -11.25 -16.31
C LEU A 94 21.28 -9.91 -15.93
N HIS A 95 21.97 -9.08 -15.13
CA HIS A 95 21.49 -7.77 -14.66
C HIS A 95 20.95 -6.94 -15.82
N GLN A 96 21.80 -6.72 -16.85
CA GLN A 96 21.47 -5.95 -18.04
C GLN A 96 20.30 -6.54 -18.84
N ASP A 97 20.19 -7.89 -18.93
CA ASP A 97 19.09 -8.58 -19.62
C ASP A 97 17.74 -8.26 -18.98
N TRP A 98 17.66 -8.32 -17.62
CA TRP A 98 16.45 -7.97 -16.88
C TRP A 98 16.09 -6.48 -17.06
N LEU A 99 17.10 -5.61 -16.92
CA LEU A 99 16.95 -4.16 -17.01
C LEU A 99 16.60 -3.68 -18.44
N ASN A 100 16.97 -4.48 -19.45
CA ASN A 100 16.66 -4.23 -20.87
C ASN A 100 15.24 -4.63 -21.21
N GLY A 101 14.62 -5.46 -20.40
CA GLY A 101 13.23 -5.80 -20.60
C GLY A 101 12.92 -7.17 -21.16
N LYS A 102 13.92 -8.07 -21.21
CA LYS A 102 13.76 -9.46 -21.65
C LYS A 102 12.66 -10.18 -20.86
N GLU A 103 11.87 -11.01 -21.56
CA GLU A 103 10.77 -11.78 -20.99
C GLU A 103 11.28 -13.16 -20.69
N TYR A 104 11.03 -13.62 -19.47
CA TYR A 104 11.42 -14.95 -18.99
C TYR A 104 10.15 -15.77 -18.91
N LYS A 105 10.16 -16.91 -19.57
CA LYS A 105 9.00 -17.78 -19.62
C LYS A 105 9.33 -19.11 -19.02
N CYS A 106 8.43 -19.59 -18.16
CA CYS A 106 8.51 -20.88 -17.52
C CYS A 106 7.34 -21.72 -18.04
N LYS A 107 7.65 -22.87 -18.61
CA LYS A 107 6.66 -23.82 -19.12
C LYS A 107 6.71 -25.05 -18.21
N VAL A 108 5.60 -25.28 -17.49
CA VAL A 108 5.47 -26.38 -16.54
C VAL A 108 4.62 -27.51 -17.09
N SER A 109 5.18 -28.72 -17.09
CA SER A 109 4.54 -29.94 -17.55
C SER A 109 4.45 -30.96 -16.41
N ASN A 110 3.29 -31.58 -16.22
CA ASN A 110 2.96 -32.55 -15.18
C ASN A 110 1.77 -33.38 -15.66
N LYS A 111 1.73 -34.69 -15.33
CA LYS A 111 0.66 -35.63 -15.71
C LYS A 111 -0.74 -35.17 -15.30
N ALA A 112 -0.86 -34.44 -14.18
CA ALA A 112 -2.15 -33.94 -13.68
C ALA A 112 -2.66 -32.68 -14.41
N LEU A 113 -1.85 -32.07 -15.29
CA LEU A 113 -2.21 -30.88 -16.09
C LEU A 113 -2.77 -31.34 -17.46
N PRO A 114 -3.97 -30.91 -17.93
CA PRO A 114 -4.43 -31.32 -19.29
C PRO A 114 -3.45 -30.91 -20.41
N ALA A 115 -2.90 -29.68 -20.31
CA ALA A 115 -1.90 -29.11 -21.22
C ALA A 115 -0.85 -28.32 -20.38
N PRO A 116 0.40 -28.07 -20.87
CA PRO A 116 1.36 -27.31 -20.03
C PRO A 116 0.93 -25.89 -19.64
N ILE A 117 1.31 -25.44 -18.43
CA ILE A 117 1.04 -24.07 -17.98
C ILE A 117 2.27 -23.25 -18.32
N GLU A 118 2.06 -22.12 -18.98
CA GLU A 118 3.12 -21.20 -19.34
C GLU A 118 2.84 -19.87 -18.64
N LYS A 119 3.80 -19.40 -17.85
CA LYS A 119 3.71 -18.10 -17.18
C LYS A 119 4.94 -17.29 -17.65
N THR A 120 4.82 -15.96 -17.69
CA THR A 120 5.85 -15.02 -18.12
C THR A 120 6.04 -13.90 -17.05
N ILE A 121 7.28 -13.39 -16.96
CA ILE A 121 7.63 -12.21 -16.17
C ILE A 121 8.66 -11.43 -16.95
N SER A 122 8.71 -10.14 -16.65
CA SER A 122 9.66 -9.19 -17.19
C SER A 122 9.48 -7.94 -16.39
N LYS A 123 10.44 -7.04 -16.51
CA LYS A 123 10.37 -5.75 -15.89
C LYS A 123 9.17 -5.04 -16.50
N ALA A 124 8.53 -4.14 -15.72
CA ALA A 124 7.41 -3.30 -16.17
C ALA A 124 7.87 -2.47 -17.32
N LYS A 125 7.05 -2.45 -18.39
CA LYS A 125 7.32 -1.69 -19.60
C LYS A 125 7.01 -0.21 -19.40
N GLY A 126 7.76 0.62 -20.07
CA GLY A 126 7.63 2.07 -19.99
C GLY A 126 9.01 2.66 -19.86
N GLN A 127 9.22 3.85 -20.40
CA GLN A 127 10.54 4.48 -20.37
C GLN A 127 11.01 4.70 -18.91
N PRO A 128 12.09 4.08 -18.44
CA PRO A 128 12.51 4.32 -17.05
C PRO A 128 12.70 5.79 -16.72
N ARG A 129 12.35 6.18 -15.50
CA ARG A 129 12.46 7.57 -15.05
C ARG A 129 13.24 7.64 -13.77
N GLU A 130 14.11 8.65 -13.69
CA GLU A 130 15.00 8.86 -12.58
C GLU A 130 14.33 9.40 -11.31
N PRO A 131 14.50 8.73 -10.16
CA PRO A 131 13.93 9.25 -8.92
C PRO A 131 14.62 10.51 -8.41
N GLN A 132 13.79 11.42 -7.89
CA GLN A 132 14.19 12.67 -7.29
C GLN A 132 14.05 12.43 -5.81
N VAL A 133 15.17 12.51 -5.10
CA VAL A 133 15.28 12.19 -3.68
C VAL A 133 15.41 13.47 -2.83
N TYR A 134 14.50 13.62 -1.89
CA TYR A 134 14.42 14.79 -1.05
C TYR A 134 14.29 14.36 0.40
N THR A 135 15.24 14.80 1.23
CA THR A 135 15.17 14.55 2.67
C THR A 135 14.50 15.77 3.29
N LEU A 136 13.50 15.54 4.14
CA LEU A 136 12.71 16.54 4.82
C LEU A 136 12.96 16.44 6.33
N PRO A 137 13.46 17.52 7.00
CA PRO A 137 13.75 17.42 8.45
C PRO A 137 12.49 17.30 9.32
N PRO A 138 12.60 16.98 10.62
CA PRO A 138 11.37 16.92 11.43
C PRO A 138 10.74 18.30 11.63
N SER A 139 9.45 18.32 11.94
CA SER A 139 8.70 19.55 12.19
C SER A 139 9.11 20.18 13.56
N ARG A 140 8.85 21.50 13.74
CA ARG A 140 9.12 22.23 14.99
C ARG A 140 8.30 21.59 16.13
N ASP A 141 7.11 21.08 15.81
CA ASP A 141 6.22 20.42 16.75
C ASP A 141 6.70 19.00 17.12
N LYS A 142 7.47 18.34 16.21
CA LYS A 142 8.08 17.00 16.36
C LYS A 142 9.28 17.05 17.35
N LEU A 143 9.90 18.24 17.48
CA LEU A 143 11.07 18.47 18.31
C LEU A 143 10.78 18.67 19.84
N THR A 144 9.58 18.27 20.32
CA THR A 144 9.22 18.36 21.76
C THR A 144 8.85 16.95 22.32
N LYS A 145 9.31 15.88 21.62
CA LYS A 145 9.06 14.47 21.92
C LYS A 145 10.35 13.70 22.29
N ASN A 146 10.25 12.37 22.51
CA ASN A 146 11.42 11.54 22.84
C ASN A 146 12.17 11.09 21.58
N GLN A 147 11.46 11.07 20.45
CA GLN A 147 12.00 10.62 19.18
C GLN A 147 11.47 11.52 18.11
N VAL A 148 12.22 11.68 17.01
CA VAL A 148 11.86 12.54 15.86
C VAL A 148 11.82 11.70 14.60
N SER A 149 11.00 12.10 13.62
CA SER A 149 10.83 11.45 12.30
C SER A 149 11.59 12.19 11.21
N LEU A 150 12.47 11.48 10.51
CA LEU A 150 13.22 12.01 9.38
C LEU A 150 12.61 11.37 8.16
N THR A 151 12.25 12.20 7.20
CA THR A 151 11.57 11.77 6.00
C THR A 151 12.46 11.80 4.77
N CYS A 152 12.25 10.84 3.89
CA CYS A 152 12.87 10.78 2.60
C CYS A 152 11.74 10.61 1.56
N LEU A 153 11.47 11.64 0.79
CA LEU A 153 10.54 11.62 -0.32
C LEU A 153 11.30 11.16 -1.55
N VAL A 154 10.82 10.10 -2.20
CA VAL A 154 11.43 9.59 -3.43
C VAL A 154 10.38 9.68 -4.47
N LYS A 155 10.56 10.54 -5.47
CA LYS A 155 9.49 10.74 -6.45
C LYS A 155 9.93 10.79 -7.91
N GLY A 156 8.95 10.62 -8.79
CA GLY A 156 9.12 10.69 -10.23
C GLY A 156 9.92 9.57 -10.85
N PHE A 157 9.85 8.37 -10.24
CA PHE A 157 10.61 7.23 -10.72
C PHE A 157 9.76 6.21 -11.49
N TYR A 158 10.39 5.53 -12.44
CA TYR A 158 9.74 4.49 -13.22
C TYR A 158 10.74 3.45 -13.69
N PRO A 159 10.49 2.12 -13.57
CA PRO A 159 9.35 1.42 -12.93
C PRO A 159 9.37 1.55 -11.39
N SER A 160 8.38 0.93 -10.70
CA SER A 160 8.29 1.02 -9.23
C SER A 160 9.37 0.26 -8.46
N ASP A 161 10.16 -0.58 -9.15
CA ASP A 161 11.26 -1.36 -8.55
C ASP A 161 12.35 -0.44 -8.04
N ILE A 162 12.52 -0.43 -6.70
CA ILE A 162 13.42 0.44 -5.91
C ILE A 162 13.79 -0.23 -4.57
N ALA A 163 14.92 0.20 -4.01
CA ALA A 163 15.47 -0.18 -2.70
C ALA A 163 15.77 1.15 -2.03
N VAL A 164 15.23 1.39 -0.83
CA VAL A 164 15.42 2.63 -0.04
C VAL A 164 15.93 2.21 1.33
N GLU A 165 17.07 2.79 1.77
CA GLU A 165 17.68 2.48 3.08
C GLU A 165 18.22 3.72 3.74
N TRP A 166 18.60 3.57 5.00
CA TRP A 166 19.12 4.66 5.81
C TRP A 166 20.38 4.30 6.50
N GLU A 167 21.32 5.24 6.57
CA GLU A 167 22.57 5.08 7.30
C GLU A 167 22.95 6.36 8.05
N SER A 168 23.96 6.27 8.95
CA SER A 168 24.53 7.37 9.69
C SER A 168 25.95 7.00 10.10
N ASN A 169 26.94 7.77 9.62
CA ASN A 169 28.38 7.63 9.86
C ASN A 169 28.95 6.28 9.37
N GLY A 170 28.39 5.78 8.28
CA GLY A 170 28.84 4.52 7.70
C GLY A 170 28.13 3.28 8.23
N GLN A 171 27.21 3.45 9.18
CA GLN A 171 26.48 2.31 9.74
C GLN A 171 25.01 2.33 9.36
N PRO A 172 24.41 1.18 9.00
CA PRO A 172 22.96 1.17 8.70
C PRO A 172 22.10 1.59 9.90
N GLU A 173 21.05 2.40 9.65
CA GLU A 173 20.07 2.83 10.65
C GLU A 173 18.84 1.98 10.30
N ASN A 174 18.47 1.04 11.16
CA ASN A 174 17.39 0.09 10.85
C ASN A 174 15.97 0.44 11.39
N ASN A 175 15.83 1.54 12.14
CA ASN A 175 14.54 1.92 12.67
C ASN A 175 13.77 2.81 11.69
N TYR A 176 13.51 2.25 10.50
CA TYR A 176 12.71 2.92 9.49
C TYR A 176 11.60 2.01 8.96
N LYS A 177 10.59 2.63 8.29
CA LYS A 177 9.47 2.02 7.59
C LYS A 177 9.29 2.79 6.32
N THR A 178 9.19 2.10 5.20
CA THR A 178 8.98 2.71 3.90
C THR A 178 7.55 2.41 3.40
N THR A 179 6.88 3.42 2.87
CA THR A 179 5.56 3.23 2.30
C THR A 179 5.71 2.46 0.98
N PRO A 180 4.70 1.66 0.55
CA PRO A 180 4.81 1.03 -0.78
C PRO A 180 4.75 2.14 -1.88
N PRO A 181 5.22 1.90 -3.12
CA PRO A 181 5.14 2.96 -4.15
C PRO A 181 3.70 3.33 -4.49
N VAL A 182 3.44 4.63 -4.68
CA VAL A 182 2.11 5.17 -5.01
C VAL A 182 2.21 5.68 -6.41
N LEU A 183 1.18 5.36 -7.24
CA LEU A 183 1.15 5.78 -8.63
C LEU A 183 0.75 7.23 -8.65
N ASP A 184 1.66 8.07 -9.18
CA ASP A 184 1.43 9.50 -9.30
C ASP A 184 0.57 9.83 -10.53
N SER A 185 0.01 11.06 -10.56
CA SER A 185 -0.85 11.52 -11.64
C SER A 185 -0.11 11.73 -13.00
N ASP A 186 1.26 11.64 -13.04
CA ASP A 186 2.06 11.76 -14.28
C ASP A 186 2.58 10.41 -14.80
N GLY A 187 2.18 9.31 -14.16
CA GLY A 187 2.52 7.94 -14.56
C GLY A 187 3.77 7.40 -13.93
N SER A 188 4.34 8.17 -13.01
CA SER A 188 5.55 7.75 -12.33
C SER A 188 5.15 7.34 -10.91
N PHE A 189 6.13 6.90 -10.12
CA PHE A 189 5.87 6.52 -8.74
C PHE A 189 6.52 7.44 -7.74
N PHE A 190 5.99 7.39 -6.51
CA PHE A 190 6.55 8.07 -5.37
C PHE A 190 6.40 7.21 -4.09
N LEU A 191 7.26 7.43 -3.13
CA LEU A 191 7.14 6.75 -1.85
C LEU A 191 7.75 7.66 -0.82
N TYR A 192 7.57 7.36 0.44
CA TYR A 192 8.23 8.10 1.52
C TYR A 192 8.85 7.08 2.47
N SER A 193 10.06 7.34 2.92
CA SER A 193 10.67 6.51 3.93
C SER A 193 10.75 7.33 5.18
N ARG A 194 10.47 6.72 6.33
CA ARG A 194 10.51 7.42 7.60
C ARG A 194 11.45 6.74 8.55
N LEU A 195 12.50 7.44 8.94
CA LEU A 195 13.44 6.99 9.95
C LEU A 195 13.08 7.64 11.32
N THR A 196 13.02 6.83 12.37
CA THR A 196 12.73 7.32 13.72
C THR A 196 14.02 7.32 14.52
N VAL A 197 14.46 8.51 15.01
CA VAL A 197 15.71 8.62 15.78
C VAL A 197 15.44 9.22 17.14
N ASP A 198 16.31 8.98 18.13
CA ASP A 198 16.11 9.62 19.44
C ASP A 198 16.33 11.12 19.21
N LYS A 199 15.48 11.98 19.84
CA LYS A 199 15.59 13.43 19.72
C LYS A 199 17.03 13.95 19.92
N SER A 200 17.77 13.42 20.91
CA SER A 200 19.14 13.84 21.25
C SER A 200 20.16 13.61 20.12
N ARG A 201 20.00 12.50 19.39
CA ARG A 201 20.85 12.16 18.24
C ARG A 201 20.73 13.25 17.19
N TRP A 202 19.49 13.63 16.87
CA TRP A 202 19.17 14.67 15.92
C TRP A 202 19.74 16.01 16.38
N GLN A 203 19.39 16.44 17.61
CA GLN A 203 19.83 17.70 18.24
C GLN A 203 21.33 17.86 18.33
N GLN A 204 22.08 16.75 18.40
CA GLN A 204 23.55 16.75 18.48
C GLN A 204 24.26 16.99 17.14
N GLY A 205 23.53 17.15 16.04
CA GLY A 205 24.08 17.46 14.72
C GLY A 205 24.51 16.29 13.85
N ASN A 206 24.10 15.08 14.21
CA ASN A 206 24.42 13.85 13.48
C ASN A 206 23.79 13.80 12.11
N VAL A 207 24.55 13.25 11.15
CA VAL A 207 24.09 13.16 9.77
C VAL A 207 23.41 11.82 9.52
N PHE A 208 22.24 11.89 8.90
CA PHE A 208 21.41 10.77 8.55
C PHE A 208 21.23 10.76 7.05
N SER A 209 21.61 9.66 6.39
CA SER A 209 21.52 9.56 4.95
C SER A 209 20.47 8.57 4.50
N CYS A 210 19.79 8.93 3.44
CA CYS A 210 18.80 8.13 2.78
C CYS A 210 19.48 7.66 1.48
N SER A 211 19.68 6.34 1.33
CA SER A 211 20.29 5.73 0.16
C SER A 211 19.18 5.14 -0.67
N VAL A 212 19.27 5.35 -1.98
CA VAL A 212 18.22 4.89 -2.90
C VAL A 212 18.90 4.16 -4.07
N MET A 213 18.34 2.99 -4.41
CA MET A 213 18.80 2.20 -5.56
C MET A 213 17.69 2.07 -6.60
N HIS A 214 17.99 2.47 -7.83
CA HIS A 214 17.03 2.43 -8.92
C HIS A 214 17.80 2.34 -10.22
N GLU A 215 17.26 1.64 -11.21
CA GLU A 215 17.92 1.50 -12.53
C GLU A 215 18.20 2.81 -13.21
N ALA A 216 17.29 3.81 -13.07
CA ALA A 216 17.42 5.09 -13.76
C ALA A 216 18.34 6.13 -13.12
N LEU A 217 18.99 5.80 -12.00
CA LEU A 217 19.97 6.69 -11.36
C LEU A 217 21.36 6.43 -11.90
N HIS A 218 22.21 7.48 -11.95
CA HIS A 218 23.61 7.29 -12.37
C HIS A 218 24.25 6.26 -11.41
N ASN A 219 24.73 5.14 -11.96
CA ASN A 219 25.33 4.03 -11.22
C ASN A 219 24.35 3.33 -10.28
N HIS A 220 23.04 3.39 -10.60
CA HIS A 220 21.92 2.79 -9.86
C HIS A 220 21.82 3.21 -8.41
N TYR A 221 22.51 4.31 -8.05
CA TYR A 221 22.61 4.75 -6.66
C TYR A 221 22.63 6.27 -6.52
N THR A 222 22.05 6.72 -5.42
CA THR A 222 22.02 8.08 -4.91
C THR A 222 21.85 8.00 -3.39
N GLN A 223 22.43 8.98 -2.71
CA GLN A 223 22.38 9.13 -1.28
C GLN A 223 22.10 10.60 -1.01
N LYS A 224 21.14 10.91 -0.13
CA LYS A 224 20.79 12.28 0.27
C LYS A 224 20.90 12.38 1.78
N SER A 225 21.57 13.42 2.28
CA SER A 225 21.81 13.60 3.72
C SER A 225 20.95 14.67 4.38
N LEU A 226 20.90 14.62 5.72
CA LEU A 226 20.03 15.44 6.55
C LEU A 226 20.67 15.61 7.94
N SER A 227 20.76 16.86 8.41
CA SER A 227 21.32 17.20 9.73
C SER A 227 20.76 18.51 10.22
N LEU A 228 20.77 18.74 11.54
CA LEU A 228 20.31 19.98 12.14
C LEU A 228 21.40 21.06 12.00
N SER A 229 21.13 22.09 11.15
CA SER A 229 22.01 23.25 10.86
C SER A 229 23.42 22.87 10.44
N LEU B 20 -24.01 -23.24 -10.08
CA LEU B 20 -22.74 -22.76 -9.49
C LEU B 20 -22.42 -23.58 -8.21
N GLY B 21 -21.52 -23.04 -7.37
CA GLY B 21 -21.17 -23.60 -6.06
C GLY B 21 -21.94 -22.88 -4.96
N GLY B 22 -23.05 -22.23 -5.37
CA GLY B 22 -23.90 -21.40 -4.52
C GLY B 22 -23.42 -19.97 -4.41
N PRO B 23 -24.22 -19.06 -3.80
CA PRO B 23 -23.78 -17.67 -3.64
C PRO B 23 -22.58 -17.47 -2.72
N SER B 24 -21.92 -16.30 -2.83
CA SER B 24 -20.79 -15.85 -2.01
C SER B 24 -21.16 -14.50 -1.36
N VAL B 25 -20.75 -14.31 -0.08
CA VAL B 25 -21.08 -13.08 0.68
C VAL B 25 -19.85 -12.20 1.01
N PHE B 26 -19.95 -10.88 0.75
CA PHE B 26 -18.92 -9.87 1.09
C PHE B 26 -19.57 -8.78 1.94
N LEU B 27 -19.06 -8.56 3.16
CA LEU B 27 -19.60 -7.61 4.11
C LEU B 27 -18.62 -6.43 4.35
N PHE B 28 -19.06 -5.22 4.02
CA PHE B 28 -18.24 -4.00 4.02
C PHE B 28 -18.54 -3.01 5.13
N PRO B 29 -17.50 -2.39 5.71
CA PRO B 29 -17.72 -1.41 6.78
C PRO B 29 -18.20 -0.07 6.24
N PRO B 30 -18.59 0.89 7.10
CA PRO B 30 -18.89 2.24 6.60
C PRO B 30 -17.62 2.96 6.15
N LYS B 31 -17.79 4.06 5.40
CA LYS B 31 -16.67 4.87 4.90
C LYS B 31 -16.13 5.70 6.06
N PRO B 32 -14.81 5.67 6.36
CA PRO B 32 -14.31 6.39 7.55
C PRO B 32 -14.85 7.79 7.71
N LYS B 33 -14.92 8.59 6.62
CA LYS B 33 -15.47 9.94 6.65
C LYS B 33 -16.94 9.94 7.12
N ASP B 34 -17.76 8.96 6.68
CA ASP B 34 -19.15 8.83 7.12
C ASP B 34 -19.32 8.57 8.63
N THR B 35 -18.41 7.78 9.29
CA THR B 35 -18.49 7.52 10.75
C THR B 35 -18.00 8.71 11.59
N LEU B 36 -17.22 9.60 10.96
CA LEU B 36 -16.58 10.74 11.62
C LEU B 36 -17.30 12.05 11.45
N MET B 37 -18.22 12.14 10.48
CA MET B 37 -18.97 13.36 10.32
C MET B 37 -20.40 13.14 10.67
N ILE B 38 -20.89 13.92 11.66
CA ILE B 38 -22.26 13.90 12.17
C ILE B 38 -23.27 14.33 11.12
N SER B 39 -22.76 15.01 10.07
CA SER B 39 -23.54 15.52 8.95
C SER B 39 -23.68 14.45 7.87
N ARG B 40 -23.06 13.28 8.08
CA ARG B 40 -23.07 12.12 7.17
C ARG B 40 -23.72 10.91 7.82
N THR B 41 -24.20 9.97 7.02
CA THR B 41 -24.84 8.73 7.48
C THR B 41 -23.98 7.50 7.15
N PRO B 42 -23.31 6.86 8.15
CA PRO B 42 -22.56 5.65 7.84
C PRO B 42 -23.47 4.43 7.64
N GLU B 43 -22.99 3.41 6.90
CA GLU B 43 -23.74 2.17 6.66
C GLU B 43 -22.85 0.96 6.40
N VAL B 44 -23.35 -0.19 6.82
CA VAL B 44 -22.69 -1.47 6.62
C VAL B 44 -23.42 -2.11 5.41
N THR B 45 -22.67 -2.70 4.50
CA THR B 45 -23.21 -3.26 3.25
C THR B 45 -22.92 -4.74 3.14
N CYS B 46 -23.99 -5.53 2.97
CA CYS B 46 -23.87 -6.97 2.80
C CYS B 46 -24.17 -7.27 1.35
N VAL B 47 -23.10 -7.63 0.60
CA VAL B 47 -23.14 -7.97 -0.83
C VAL B 47 -23.19 -9.49 -1.03
N VAL B 48 -24.16 -9.97 -1.79
CA VAL B 48 -24.34 -11.37 -2.17
C VAL B 48 -24.14 -11.50 -3.70
N VAL B 49 -23.09 -12.24 -4.07
CA VAL B 49 -22.77 -12.50 -5.48
C VAL B 49 -23.07 -13.96 -5.81
N ASP B 50 -23.10 -14.27 -7.11
CA ASP B 50 -23.39 -15.61 -7.63
C ASP B 50 -24.77 -16.08 -7.22
N VAL B 51 -25.74 -15.15 -7.19
CA VAL B 51 -27.13 -15.50 -6.92
C VAL B 51 -27.66 -15.99 -8.29
N SER B 52 -28.27 -17.18 -8.30
CA SER B 52 -28.75 -17.81 -9.52
C SER B 52 -30.10 -17.23 -10.01
N HIS B 53 -30.43 -17.40 -11.30
CA HIS B 53 -31.70 -16.93 -11.86
C HIS B 53 -32.84 -17.82 -11.40
N GLU B 54 -32.55 -19.13 -11.19
CA GLU B 54 -33.48 -20.18 -10.71
C GLU B 54 -33.90 -19.93 -9.26
N ASP B 55 -32.96 -19.44 -8.40
CA ASP B 55 -33.27 -19.10 -6.99
C ASP B 55 -32.74 -17.68 -6.61
N PRO B 56 -33.38 -16.59 -7.14
CA PRO B 56 -32.88 -15.24 -6.84
C PRO B 56 -33.22 -14.70 -5.45
N GLU B 57 -34.14 -15.38 -4.75
CA GLU B 57 -34.64 -15.08 -3.42
C GLU B 57 -33.54 -15.21 -2.38
N VAL B 58 -33.24 -14.12 -1.68
CA VAL B 58 -32.20 -14.05 -0.67
C VAL B 58 -32.84 -13.49 0.60
N LYS B 59 -32.66 -14.22 1.72
CA LYS B 59 -33.13 -13.79 3.03
C LYS B 59 -31.96 -13.22 3.81
N PHE B 60 -32.16 -12.01 4.35
CA PHE B 60 -31.16 -11.33 5.16
C PHE B 60 -31.63 -11.20 6.59
N ASN B 61 -30.74 -11.58 7.51
CA ASN B 61 -30.93 -11.45 8.94
C ASN B 61 -29.74 -10.62 9.40
N TRP B 62 -30.01 -9.53 10.13
CA TRP B 62 -28.93 -8.64 10.57
C TRP B 62 -28.86 -8.62 12.10
N TYR B 63 -27.64 -8.60 12.66
CA TYR B 63 -27.44 -8.62 14.10
C TYR B 63 -26.45 -7.54 14.52
N VAL B 64 -26.76 -6.77 15.58
CA VAL B 64 -25.84 -5.78 16.14
C VAL B 64 -25.54 -6.28 17.56
N ASP B 65 -24.35 -6.90 17.76
CA ASP B 65 -23.91 -7.53 19.00
C ASP B 65 -24.86 -8.67 19.42
N GLY B 66 -25.28 -9.43 18.41
CA GLY B 66 -26.11 -10.61 18.57
C GLY B 66 -27.58 -10.33 18.60
N VAL B 67 -27.95 -9.03 18.71
CA VAL B 67 -29.34 -8.54 18.78
C VAL B 67 -29.81 -8.29 17.38
N GLU B 68 -30.85 -9.04 16.94
CA GLU B 68 -31.45 -8.90 15.60
C GLU B 68 -32.12 -7.54 15.40
N VAL B 69 -31.74 -6.84 14.30
CA VAL B 69 -32.26 -5.53 13.91
C VAL B 69 -33.05 -5.68 12.61
N HIS B 70 -34.11 -4.90 12.49
CA HIS B 70 -35.06 -5.03 11.41
C HIS B 70 -35.10 -3.83 10.45
N ASN B 71 -34.14 -2.88 10.54
CA ASN B 71 -34.23 -1.70 9.66
C ASN B 71 -33.27 -1.66 8.44
N ALA B 72 -32.75 -2.81 7.97
CA ALA B 72 -31.94 -2.79 6.75
C ALA B 72 -32.85 -2.64 5.54
N LYS B 73 -32.27 -2.21 4.41
CA LYS B 73 -33.00 -2.00 3.17
C LYS B 73 -32.31 -2.75 2.07
N THR B 74 -33.08 -3.32 1.13
CA THR B 74 -32.47 -4.01 0.00
C THR B 74 -32.38 -3.07 -1.18
N LYS B 75 -31.16 -2.98 -1.71
CA LYS B 75 -30.80 -2.17 -2.88
C LYS B 75 -31.44 -2.82 -4.12
N PRO B 76 -31.75 -2.07 -5.21
CA PRO B 76 -32.36 -2.72 -6.39
C PRO B 76 -31.50 -3.88 -6.88
N ARG B 77 -32.15 -5.04 -7.21
CA ARG B 77 -31.42 -6.20 -7.75
C ARG B 77 -30.71 -5.79 -9.07
N GLU B 78 -29.43 -6.16 -9.23
N GLU B 78 -29.48 -6.25 -9.24
CA GLU B 78 -28.67 -5.87 -10.46
CA GLU B 78 -28.60 -5.93 -10.37
C GLU B 78 -28.22 -7.15 -11.15
C GLU B 78 -28.17 -7.17 -11.16
N GLU B 79 -28.46 -7.21 -12.49
CA GLU B 79 -28.02 -8.30 -13.39
C GLU B 79 -26.51 -8.03 -13.64
N GLN B 80 -25.67 -9.07 -13.48
CA GLN B 80 -24.22 -8.92 -13.64
C GLN B 80 -23.71 -9.23 -15.04
N TYR B 81 -24.50 -9.96 -15.85
CA TYR B 81 -24.28 -10.34 -17.27
C TYR B 81 -23.33 -11.53 -17.43
N ASN B 82 -23.19 -12.30 -16.35
CA ASN B 82 -22.44 -13.56 -16.27
C ASN B 82 -23.37 -14.68 -15.74
N SER B 83 -24.70 -14.47 -15.95
CA SER B 83 -25.87 -15.30 -15.58
C SER B 83 -26.16 -15.36 -14.07
N THR B 84 -25.65 -14.38 -13.33
CA THR B 84 -25.84 -14.24 -11.89
C THR B 84 -26.46 -12.87 -11.53
N TYR B 85 -26.96 -12.76 -10.30
CA TYR B 85 -27.51 -11.53 -9.76
C TYR B 85 -26.62 -11.04 -8.62
N ARG B 86 -26.64 -9.75 -8.35
CA ARG B 86 -25.95 -9.14 -7.23
C ARG B 86 -27.07 -8.53 -6.34
N VAL B 87 -27.31 -9.18 -5.19
CA VAL B 87 -28.31 -8.86 -4.17
C VAL B 87 -27.58 -8.18 -3.00
N VAL B 88 -28.04 -6.99 -2.60
CA VAL B 88 -27.37 -6.16 -1.60
C VAL B 88 -28.33 -5.66 -0.52
N SER B 89 -27.96 -5.82 0.76
CA SER B 89 -28.69 -5.29 1.90
C SER B 89 -27.81 -4.24 2.56
N VAL B 90 -28.39 -3.09 2.86
CA VAL B 90 -27.62 -2.02 3.49
C VAL B 90 -28.24 -1.74 4.84
N LEU B 91 -27.41 -1.74 5.91
CA LEU B 91 -27.81 -1.40 7.25
C LEU B 91 -27.14 -0.09 7.70
N THR B 92 -27.94 0.95 7.96
CA THR B 92 -27.48 2.20 8.53
C THR B 92 -27.03 1.96 10.01
N VAL B 93 -25.83 2.41 10.35
CA VAL B 93 -25.28 2.28 11.67
C VAL B 93 -25.27 3.66 12.35
N LEU B 94 -25.24 3.66 13.69
CA LEU B 94 -25.07 4.89 14.45
C LEU B 94 -23.55 5.13 14.53
N HIS B 95 -23.10 6.39 14.35
CA HIS B 95 -21.70 6.82 14.41
C HIS B 95 -21.05 6.26 15.66
N GLN B 96 -21.63 6.58 16.85
CA GLN B 96 -21.12 6.16 18.16
C GLN B 96 -21.06 4.64 18.32
N ASP B 97 -22.07 3.90 17.79
CA ASP B 97 -22.13 2.43 17.83
C ASP B 97 -20.94 1.79 17.11
N TRP B 98 -20.63 2.29 15.88
CA TRP B 98 -19.49 1.81 15.11
C TRP B 98 -18.14 2.15 15.82
N LEU B 99 -18.03 3.39 16.32
CA LEU B 99 -16.84 3.88 17.00
C LEU B 99 -16.61 3.19 18.36
N ASN B 100 -17.69 2.69 18.98
CA ASN B 100 -17.63 1.95 20.25
C ASN B 100 -17.20 0.52 20.07
N GLY B 101 -17.29 0.00 18.85
CA GLY B 101 -16.80 -1.33 18.54
C GLY B 101 -17.82 -2.44 18.35
N LYS B 102 -19.11 -2.08 18.25
CA LYS B 102 -20.20 -3.03 17.97
C LYS B 102 -19.94 -3.87 16.71
N GLU B 103 -20.30 -5.15 16.77
CA GLU B 103 -20.14 -6.11 15.68
C GLU B 103 -21.44 -6.19 14.95
N TYR B 104 -21.38 -6.06 13.61
CA TYR B 104 -22.53 -6.14 12.71
C TYR B 104 -22.43 -7.46 11.98
N LYS B 105 -23.48 -8.23 12.06
CA LYS B 105 -23.49 -9.55 11.44
C LYS B 105 -24.60 -9.62 10.40
N CYS B 106 -24.25 -10.15 9.25
CA CYS B 106 -25.16 -10.39 8.14
C CYS B 106 -25.28 -11.90 7.96
N LYS B 107 -26.51 -12.41 8.02
CA LYS B 107 -26.80 -13.82 7.80
C LYS B 107 -27.57 -13.94 6.50
N VAL B 108 -26.98 -14.59 5.51
CA VAL B 108 -27.55 -14.78 4.17
C VAL B 108 -28.10 -16.20 3.96
N SER B 109 -29.36 -16.28 3.57
CA SER B 109 -30.06 -17.53 3.30
C SER B 109 -30.57 -17.54 1.85
N ASN B 110 -30.34 -18.65 1.14
CA ASN B 110 -30.71 -18.88 -0.25
C ASN B 110 -30.80 -20.41 -0.48
N LYS B 111 -31.73 -20.88 -1.35
CA LYS B 111 -31.94 -22.29 -1.66
C LYS B 111 -30.67 -23.02 -2.13
N ALA B 112 -29.77 -22.31 -2.84
CA ALA B 112 -28.52 -22.86 -3.37
C ALA B 112 -27.41 -23.03 -2.31
N LEU B 113 -27.63 -22.55 -1.07
CA LEU B 113 -26.66 -22.67 0.03
C LEU B 113 -27.04 -23.89 0.89
N PRO B 114 -26.12 -24.85 1.20
CA PRO B 114 -26.51 -25.96 2.10
C PRO B 114 -27.01 -25.46 3.47
N ALA B 115 -26.31 -24.44 4.04
CA ALA B 115 -26.62 -23.78 5.31
C ALA B 115 -26.38 -22.24 5.15
N PRO B 116 -26.99 -21.37 5.98
CA PRO B 116 -26.73 -19.92 5.83
C PRO B 116 -25.29 -19.47 5.98
N ILE B 117 -24.86 -18.43 5.23
CA ILE B 117 -23.52 -17.85 5.36
C ILE B 117 -23.65 -16.67 6.29
N GLU B 118 -22.79 -16.62 7.31
CA GLU B 118 -22.75 -15.53 8.27
C GLU B 118 -21.39 -14.88 8.18
N LYS B 119 -21.38 -13.57 7.94
CA LYS B 119 -20.16 -12.77 7.91
C LYS B 119 -20.32 -11.66 8.96
N THR B 120 -19.20 -11.19 9.54
CA THR B 120 -19.15 -10.14 10.57
C THR B 120 -18.15 -9.02 10.19
N ILE B 121 -18.43 -7.80 10.64
CA ILE B 121 -17.53 -6.66 10.55
C ILE B 121 -17.70 -5.84 11.81
N SER B 122 -16.64 -5.10 12.15
CA SER B 122 -16.56 -4.18 13.26
C SER B 122 -15.28 -3.42 13.10
N LYS B 123 -15.17 -2.31 13.81
CA LYS B 123 -13.99 -1.50 13.83
C LYS B 123 -12.87 -2.37 14.38
N ALA B 124 -11.61 -2.11 13.99
CA ALA B 124 -10.41 -2.77 14.50
C ALA B 124 -10.32 -2.53 15.99
N LYS B 125 -10.08 -3.62 16.74
CA LYS B 125 -9.93 -3.58 18.18
C LYS B 125 -8.54 -3.08 18.59
N GLY B 126 -8.48 -2.39 19.71
CA GLY B 126 -7.26 -1.80 20.24
C GLY B 126 -7.57 -0.40 20.70
N GLN B 127 -6.86 0.09 21.73
CA GLN B 127 -7.15 1.42 22.26
C GLN B 127 -6.92 2.50 21.20
N PRO B 128 -7.93 3.28 20.77
CA PRO B 128 -7.66 4.29 19.75
C PRO B 128 -6.55 5.27 20.13
N ARG B 129 -5.75 5.69 19.19
CA ARG B 129 -4.65 6.62 19.42
C ARG B 129 -4.76 7.81 18.50
N GLU B 130 -4.49 8.99 19.07
CA GLU B 130 -4.58 10.26 18.38
C GLU B 130 -3.47 10.53 17.34
N PRO B 131 -3.83 10.84 16.08
CA PRO B 131 -2.79 11.17 15.09
C PRO B 131 -2.11 12.50 15.35
N GLN B 132 -0.80 12.51 15.10
CA GLN B 132 0.07 13.66 15.21
C GLN B 132 0.29 14.10 13.77
N VAL B 133 -0.16 15.31 13.44
CA VAL B 133 -0.15 15.85 12.08
C VAL B 133 0.94 16.92 11.91
N TYR B 134 1.81 16.70 10.95
CA TYR B 134 2.94 17.55 10.68
C TYR B 134 3.01 17.86 9.21
N THR B 135 2.98 19.15 8.87
CA THR B 135 3.15 19.58 7.49
C THR B 135 4.63 19.92 7.31
N LEU B 136 5.24 19.40 6.25
CA LEU B 136 6.64 19.55 5.92
C LEU B 136 6.75 20.32 4.62
N PRO B 137 7.43 21.50 4.59
CA PRO B 137 7.52 22.29 3.33
C PRO B 137 8.37 21.63 2.25
N PRO B 138 8.39 22.10 0.97
CA PRO B 138 9.24 21.43 -0.01
C PRO B 138 10.73 21.58 0.28
N SER B 139 11.51 20.58 -0.10
CA SER B 139 12.95 20.60 0.04
C SER B 139 13.52 21.72 -0.87
N ARG B 140 14.59 22.37 -0.41
CA ARG B 140 15.29 23.43 -1.14
C ARG B 140 15.70 22.97 -2.54
N ASP B 141 16.10 21.69 -2.72
CA ASP B 141 16.50 21.12 -4.03
C ASP B 141 15.35 21.07 -5.05
N GLU B 142 14.10 20.94 -4.56
CA GLU B 142 12.88 20.91 -5.37
C GLU B 142 12.39 22.32 -5.77
N LEU B 143 12.93 23.38 -5.12
CA LEU B 143 12.53 24.75 -5.40
C LEU B 143 13.13 25.32 -6.72
N THR B 144 13.51 24.43 -7.66
CA THR B 144 14.04 24.78 -8.99
C THR B 144 13.11 24.22 -10.09
N LYS B 145 12.15 23.37 -9.69
CA LYS B 145 11.20 22.66 -10.56
C LYS B 145 9.92 23.48 -10.79
N ASN B 146 9.14 23.12 -11.83
CA ASN B 146 7.89 23.76 -12.16
C ASN B 146 6.81 23.56 -11.07
N GLN B 147 6.87 22.44 -10.37
CA GLN B 147 5.94 22.11 -9.33
C GLN B 147 6.71 21.70 -8.10
N VAL B 148 6.10 21.92 -6.94
CA VAL B 148 6.66 21.54 -5.64
C VAL B 148 5.74 20.56 -4.95
N SER B 149 6.30 19.86 -3.95
CA SER B 149 5.60 18.86 -3.16
C SER B 149 5.45 19.31 -1.75
N LEU B 150 4.20 19.34 -1.26
CA LEU B 150 3.90 19.70 0.12
C LEU B 150 3.49 18.42 0.78
N THR B 151 4.14 18.11 1.89
CA THR B 151 3.95 16.88 2.61
C THR B 151 3.14 17.07 3.90
N CYS B 152 2.34 16.06 4.20
CA CYS B 152 1.60 15.98 5.45
C CYS B 152 1.91 14.61 6.04
N LEU B 153 2.69 14.57 7.10
CA LEU B 153 2.99 13.36 7.85
C LEU B 153 1.92 13.19 8.89
N VAL B 154 1.24 12.03 8.89
CA VAL B 154 0.19 11.75 9.89
C VAL B 154 0.65 10.51 10.60
N GLU B 155 0.98 10.63 11.89
CA GLU B 155 1.55 9.48 12.59
C GLU B 155 0.99 9.21 13.98
N GLY B 156 1.23 8.01 14.46
CA GLY B 156 0.84 7.56 15.80
C GLY B 156 -0.64 7.40 16.02
N PHE B 157 -1.38 7.05 14.97
CA PHE B 157 -2.82 6.89 15.08
C PHE B 157 -3.30 5.42 15.11
N TYR B 158 -4.40 5.19 15.79
CA TYR B 158 -5.01 3.87 15.86
C TYR B 158 -6.52 3.97 16.04
N PRO B 159 -7.38 3.22 15.31
CA PRO B 159 -7.11 2.29 14.19
C PRO B 159 -6.66 3.02 12.91
N SER B 160 -6.40 2.29 11.82
CA SER B 160 -5.92 2.86 10.55
C SER B 160 -6.97 3.68 9.78
N ASP B 161 -8.24 3.63 10.18
CA ASP B 161 -9.35 4.38 9.58
C ASP B 161 -9.15 5.86 9.79
N ILE B 162 -8.93 6.58 8.67
CA ILE B 162 -8.63 8.02 8.55
C ILE B 162 -9.07 8.57 7.18
N ALA B 163 -9.26 9.88 7.13
CA ALA B 163 -9.58 10.71 5.94
C ALA B 163 -8.57 11.84 5.99
N VAL B 164 -7.78 12.02 4.91
CA VAL B 164 -6.77 13.09 4.80
C VAL B 164 -7.09 13.87 3.53
N GLU B 165 -7.24 15.20 3.65
CA GLU B 165 -7.52 16.08 2.50
C GLU B 165 -6.74 17.36 2.58
N TRP B 166 -6.78 18.11 1.49
CA TRP B 166 -6.06 19.36 1.35
C TRP B 166 -6.94 20.45 0.86
N GLU B 167 -6.74 21.65 1.39
CA GLU B 167 -7.43 22.85 0.94
C GLU B 167 -6.50 24.05 0.92
N SER B 168 -6.97 25.09 0.29
CA SER B 168 -6.31 26.38 0.21
C SER B 168 -7.41 27.39 -0.04
N ASN B 169 -7.37 28.49 0.73
CA ASN B 169 -8.29 29.60 0.64
C ASN B 169 -9.78 29.17 0.69
N GLY B 170 -10.09 28.15 1.53
CA GLY B 170 -11.46 27.65 1.66
C GLY B 170 -11.90 26.73 0.55
N GLN B 171 -11.02 26.44 -0.43
CA GLN B 171 -11.36 25.56 -1.53
C GLN B 171 -10.54 24.28 -1.51
N PRO B 172 -11.15 23.12 -1.79
CA PRO B 172 -10.35 21.88 -1.86
C PRO B 172 -9.25 21.90 -2.92
N GLU B 173 -8.07 21.37 -2.58
CA GLU B 173 -6.93 21.23 -3.48
C GLU B 173 -6.93 19.75 -3.82
N ASN B 174 -7.25 19.38 -5.07
CA ASN B 174 -7.41 17.97 -5.45
C ASN B 174 -6.16 17.28 -6.09
N ASN B 175 -5.06 18.01 -6.28
CA ASN B 175 -3.88 17.42 -6.87
C ASN B 175 -2.95 16.81 -5.79
N TYR B 176 -3.47 15.84 -5.05
CA TYR B 176 -2.74 15.11 -4.04
C TYR B 176 -2.92 13.61 -4.20
N LYS B 177 -2.03 12.83 -3.56
CA LYS B 177 -2.01 11.36 -3.46
C LYS B 177 -1.59 11.04 -2.06
N THR B 178 -2.33 10.17 -1.39
CA THR B 178 -2.04 9.73 -0.03
C THR B 178 -1.53 8.30 -0.02
N THR B 179 -0.52 8.03 0.77
CA THR B 179 0.01 6.68 0.85
C THR B 179 -0.97 5.86 1.71
N PRO B 180 -1.09 4.52 1.52
CA PRO B 180 -1.93 3.74 2.44
C PRO B 180 -1.28 3.74 3.85
N PRO B 181 -2.02 3.45 4.94
CA PRO B 181 -1.38 3.46 6.28
C PRO B 181 -0.33 2.37 6.43
N VAL B 182 0.79 2.69 7.10
CA VAL B 182 1.93 1.78 7.33
C VAL B 182 1.93 1.46 8.80
N LEU B 183 2.08 0.16 9.14
CA LEU B 183 2.10 -0.25 10.52
C LEU B 183 3.46 0.09 11.10
N ASP B 184 3.45 0.93 12.14
CA ASP B 184 4.66 1.35 12.83
C ASP B 184 5.11 0.31 13.85
N SER B 185 6.37 0.43 14.33
N SER B 185 6.37 0.40 14.31
CA SER B 185 6.96 -0.47 15.33
CA SER B 185 6.96 -0.51 15.30
C SER B 185 6.32 -0.41 16.73
C SER B 185 6.32 -0.42 16.72
N ASP B 186 5.52 0.63 16.99
CA ASP B 186 4.86 0.80 18.28
C ASP B 186 3.39 0.35 18.27
N GLY B 187 2.89 -0.20 17.14
CA GLY B 187 1.54 -0.71 17.00
C GLY B 187 0.55 0.29 16.47
N SER B 188 1.05 1.49 16.12
CA SER B 188 0.18 2.53 15.60
C SER B 188 0.44 2.62 14.08
N PHE B 189 -0.27 3.52 13.42
CA PHE B 189 -0.09 3.72 11.98
C PHE B 189 0.46 5.09 11.64
N PHE B 190 1.01 5.19 10.41
CA PHE B 190 1.44 6.43 9.78
C PHE B 190 1.14 6.43 8.30
N LEU B 191 1.00 7.61 7.74
CA LEU B 191 0.87 7.77 6.32
C LEU B 191 1.47 9.12 5.95
N TYR B 192 1.59 9.39 4.67
CA TYR B 192 2.03 10.69 4.18
C TYR B 192 1.08 11.08 3.08
N SER B 193 0.69 12.35 3.07
CA SER B 193 -0.09 12.86 1.95
C SER B 193 0.79 13.83 1.23
N LYS B 194 0.77 13.80 -0.10
CA LYS B 194 1.59 14.67 -0.91
C LYS B 194 0.73 15.49 -1.82
N LEU B 195 0.74 16.81 -1.63
CA LEU B 195 0.05 17.75 -2.52
C LEU B 195 1.09 18.34 -3.51
N THR B 196 0.76 18.34 -4.80
CA THR B 196 1.62 18.92 -5.82
C THR B 196 1.05 20.27 -6.27
N VAL B 197 1.83 21.33 -6.15
CA VAL B 197 1.40 22.69 -6.57
C VAL B 197 2.42 23.33 -7.51
N ASP B 198 1.99 24.25 -8.41
CA ASP B 198 2.92 24.95 -9.30
C ASP B 198 3.79 25.77 -8.40
N LYS B 199 5.09 25.88 -8.71
CA LYS B 199 6.00 26.61 -7.87
C LYS B 199 5.55 28.03 -7.63
N SER B 200 5.05 28.76 -8.68
CA SER B 200 4.52 30.14 -8.59
C SER B 200 3.47 30.31 -7.47
N ARG B 201 2.57 29.32 -7.32
CA ARG B 201 1.55 29.27 -6.28
C ARG B 201 2.13 29.11 -4.86
N TRP B 202 3.33 28.53 -4.76
CA TRP B 202 3.95 28.37 -3.45
C TRP B 202 4.65 29.68 -3.15
N GLN B 203 5.30 30.28 -4.20
CA GLN B 203 6.01 31.55 -4.13
C GLN B 203 5.10 32.75 -3.89
N GLN B 204 3.80 32.63 -4.17
CA GLN B 204 2.82 33.71 -3.97
C GLN B 204 2.46 33.88 -2.49
N GLY B 205 2.79 32.91 -1.64
CA GLY B 205 2.46 32.99 -0.22
C GLY B 205 1.14 32.38 0.16
N ASN B 206 0.51 31.68 -0.78
CA ASN B 206 -0.72 30.91 -0.61
C ASN B 206 -0.53 29.91 0.52
N VAL B 207 -1.53 29.85 1.42
CA VAL B 207 -1.53 28.96 2.59
C VAL B 207 -2.31 27.72 2.23
N PHE B 208 -1.67 26.56 2.36
CA PHE B 208 -2.26 25.26 2.07
C PHE B 208 -2.42 24.52 3.37
N SER B 209 -3.56 23.87 3.52
CA SER B 209 -3.91 23.14 4.73
C SER B 209 -4.14 21.68 4.47
N CYS B 210 -3.77 20.87 5.48
CA CYS B 210 -3.92 19.45 5.56
C CYS B 210 -4.98 19.14 6.62
N SER B 211 -6.18 18.76 6.17
CA SER B 211 -7.30 18.42 7.04
C SER B 211 -7.24 16.93 7.26
N VAL B 212 -7.33 16.51 8.53
CA VAL B 212 -7.29 15.09 8.90
C VAL B 212 -8.53 14.77 9.76
N MET B 213 -9.18 13.64 9.45
CA MET B 213 -10.32 13.16 10.22
C MET B 213 -10.03 11.79 10.82
N HIS B 214 -10.17 11.67 12.14
CA HIS B 214 -9.90 10.42 12.86
C HIS B 214 -10.73 10.45 14.13
N GLU B 215 -11.20 9.27 14.58
CA GLU B 215 -11.99 9.17 15.81
C GLU B 215 -11.29 9.69 17.04
N ALA B 216 -9.96 9.52 17.14
CA ALA B 216 -9.19 9.91 18.33
C ALA B 216 -8.77 11.40 18.39
N LEU B 217 -9.14 12.21 17.40
CA LEU B 217 -8.86 13.66 17.45
C LEU B 217 -10.00 14.40 18.13
N HIS B 218 -9.68 15.52 18.82
CA HIS B 218 -10.72 16.36 19.42
C HIS B 218 -11.65 16.81 18.30
N ASN B 219 -12.94 16.44 18.41
CA ASN B 219 -13.99 16.72 17.42
C ASN B 219 -13.78 16.01 16.07
N HIS B 220 -13.05 14.88 16.09
CA HIS B 220 -12.68 14.02 14.93
C HIS B 220 -11.97 14.76 13.82
N TYR B 221 -11.43 15.96 14.11
CA TYR B 221 -10.85 16.83 13.10
C TYR B 221 -9.67 17.64 13.62
N THR B 222 -8.72 17.86 12.70
CA THR B 222 -7.55 18.68 12.85
C THR B 222 -7.18 19.16 11.44
N GLN B 223 -6.62 20.37 11.41
CA GLN B 223 -6.15 21.03 10.20
C GLN B 223 -4.79 21.61 10.54
N LYS B 224 -3.79 21.36 9.70
CA LYS B 224 -2.44 21.89 9.84
C LYS B 224 -2.09 22.66 8.58
N SER B 225 -1.56 23.87 8.71
CA SER B 225 -1.23 24.73 7.55
C SER B 225 0.26 24.88 7.29
N LEU B 226 0.60 25.41 6.09
CA LEU B 226 1.94 25.80 5.63
C LEU B 226 1.93 26.73 4.44
N SER B 227 2.87 27.64 4.46
CA SER B 227 3.08 28.64 3.42
C SER B 227 4.58 28.92 3.36
N LEU B 228 5.02 29.60 2.29
CA LEU B 228 6.40 30.02 2.08
C LEU B 228 6.91 30.78 3.35
N SER B 229 8.17 30.51 3.78
CA SER B 229 8.77 31.17 4.94
C SER B 229 10.00 31.98 4.54
N ASP C 1 33.34 6.32 -13.08
CA ASP C 1 33.24 6.32 -11.62
C ASP C 1 32.39 5.16 -11.07
N CYS C 2 32.60 4.79 -9.78
CA CYS C 2 31.89 3.70 -9.09
C CYS C 2 31.01 4.19 -7.96
N ALA C 3 29.88 3.49 -7.71
CA ALA C 3 28.99 3.75 -6.60
C ALA C 3 29.08 2.59 -5.61
N TRP C 4 29.24 2.90 -4.33
CA TRP C 4 29.33 1.90 -3.27
C TRP C 4 28.21 2.15 -2.25
N HIS C 5 27.64 1.06 -1.71
CA HIS C 5 26.60 1.06 -0.69
C HIS C 5 27.09 0.20 0.46
N LEU C 6 27.40 0.87 1.58
CA LEU C 6 27.93 0.24 2.80
C LEU C 6 29.14 -0.70 2.50
N GLY C 7 30.08 -0.20 1.68
CA GLY C 7 31.28 -0.90 1.25
C GLY C 7 31.12 -1.94 0.16
N GLU C 8 29.88 -2.16 -0.33
CA GLU C 8 29.51 -3.13 -1.38
C GLU C 8 29.36 -2.42 -2.71
N LEU C 9 29.91 -2.98 -3.79
CA LEU C 9 29.81 -2.37 -5.12
C LEU C 9 28.39 -2.45 -5.70
N VAL C 10 27.89 -1.27 -6.10
CA VAL C 10 26.60 -1.11 -6.74
C VAL C 10 26.79 -1.21 -8.25
N TRP C 11 27.57 -0.28 -8.82
CA TRP C 11 27.74 -0.17 -10.26
C TRP C 11 28.84 0.81 -10.62
N CYS C 12 29.39 0.65 -11.86
CA CYS C 12 30.40 1.51 -12.43
C CYS C 12 30.11 1.85 -13.89
N THR C 13 30.38 3.12 -14.24
CA THR C 13 30.29 3.68 -15.59
C THR C 13 31.72 4.15 -15.99
N ASP D 1 -17.21 23.25 21.87
CA ASP D 1 -16.82 23.79 20.56
C ASP D 1 -17.11 22.82 19.40
N CYS D 2 -17.21 23.35 18.16
CA CYS D 2 -17.51 22.59 16.93
C CYS D 2 -16.35 22.61 15.95
N ALA D 3 -16.20 21.51 15.17
CA ALA D 3 -15.23 21.40 14.08
C ALA D 3 -15.98 21.37 12.75
N TRP D 4 -15.53 22.16 11.79
CA TRP D 4 -16.13 22.24 10.45
C TRP D 4 -15.08 21.91 9.40
N HIS D 5 -15.50 21.19 8.34
CA HIS D 5 -14.68 20.81 7.20
C HIS D 5 -15.39 21.29 5.94
N LEU D 6 -14.82 22.32 5.29
CA LEU D 6 -15.37 22.96 4.07
C LEU D 6 -16.86 23.35 4.24
N GLY D 7 -17.15 23.97 5.39
CA GLY D 7 -18.49 24.42 5.77
C GLY D 7 -19.47 23.36 6.26
N GLU D 8 -19.03 22.08 6.30
CA GLU D 8 -19.81 20.91 6.74
C GLU D 8 -19.45 20.56 8.18
N LEU D 9 -20.45 20.29 9.03
CA LEU D 9 -20.21 19.92 10.42
C LEU D 9 -19.58 18.54 10.57
N VAL D 10 -18.48 18.51 11.31
CA VAL D 10 -17.76 17.27 11.61
C VAL D 10 -18.27 16.73 12.94
N TRP D 11 -18.11 17.51 14.02
CA TRP D 11 -18.46 17.09 15.38
C TRP D 11 -18.39 18.26 16.36
N CYS D 12 -19.12 18.10 17.49
CA CYS D 12 -19.16 19.06 18.60
C CYS D 12 -19.06 18.36 19.94
N THR D 13 -18.32 19.00 20.86
CA THR D 13 -18.15 18.63 22.26
C THR D 13 -18.70 19.77 23.14
#